data_2ZBP
#
_entry.id   2ZBP
#
_cell.length_a   82.454
_cell.length_b   75.751
_cell.length_c   62.077
_cell.angle_alpha   90.00
_cell.angle_beta   130.56
_cell.angle_gamma   90.00
#
_symmetry.space_group_name_H-M   'C 1 2 1'
#
loop_
_entity.id
_entity.type
_entity.pdbx_description
1 polymer 'Ribosomal protein L11 methyltransferase'
2 non-polymer S-ADENOSYLMETHIONINE
3 water water
#
_entity_poly.entity_id   1
_entity_poly.type   'polypeptide(L)'
_entity_poly.pdbx_seq_one_letter_code
;MWVYRLKGTLEALDPILPGLFDGGARGLWEREGEVWAFFPAPVDLPYEGVWEEVGDEDWLEAWRRDLKPALAPPFVVLAP
WHTWEGAEIPLVIEPGMAFGTGHHETTRLALKALARHLRPGDKVLDLGTGSGVLAIAAEKLGGKALGVDIDPMVLPQAEA
NAKRNGVRPRFLEGSLEAALPFGPFDLLVANLYAELHAALAPRYREALVPGGRALLTGILKDRAPLVREAMAGAGFRPLE
EAAEGEWVLLAYGR
;
_entity_poly.pdbx_strand_id   A
#
loop_
_chem_comp.id
_chem_comp.type
_chem_comp.name
_chem_comp.formula
SAM non-polymer S-ADENOSYLMETHIONINE 'C15 H22 N6 O5 S'
#
# COMPACT_ATOMS: atom_id res chain seq x y z
N MET A 1 -25.43 6.54 12.17
CA MET A 1 -26.64 6.83 11.35
C MET A 1 -27.22 5.55 10.73
N TRP A 2 -28.44 5.67 10.21
CA TRP A 2 -29.11 4.54 9.60
C TRP A 2 -29.26 4.71 8.11
N VAL A 3 -29.38 3.59 7.41
CA VAL A 3 -29.58 3.61 5.98
C VAL A 3 -30.95 2.96 5.73
N TYR A 4 -31.57 3.31 4.63
CA TYR A 4 -32.87 2.77 4.25
C TYR A 4 -32.66 2.34 2.81
N ARG A 5 -32.47 1.04 2.62
CA ARG A 5 -32.23 0.51 1.28
C ARG A 5 -33.51 0.28 0.51
N LEU A 6 -33.46 0.58 -0.78
CA LEU A 6 -34.61 0.42 -1.68
C LEU A 6 -34.12 -0.10 -3.01
N LYS A 7 -34.85 -1.06 -3.58
CA LYS A 7 -34.48 -1.62 -4.87
C LYS A 7 -34.91 -0.62 -5.94
N GLY A 8 -34.15 -0.54 -7.02
CA GLY A 8 -34.50 0.39 -8.09
C GLY A 8 -33.48 1.50 -8.29
N THR A 9 -33.51 2.12 -9.46
CA THR A 9 -32.60 3.20 -9.80
C THR A 9 -33.15 4.55 -9.29
N LEU A 10 -32.33 5.59 -9.33
CA LEU A 10 -32.77 6.91 -8.89
C LEU A 10 -33.85 7.37 -9.86
N GLU A 11 -33.56 7.16 -11.14
CA GLU A 11 -34.51 7.51 -12.18
C GLU A 11 -35.87 6.89 -11.85
N ALA A 12 -35.87 5.60 -11.55
CA ALA A 12 -37.09 4.89 -11.23
C ALA A 12 -37.76 5.39 -9.96
N LEU A 13 -36.97 5.60 -8.91
CA LEU A 13 -37.52 6.04 -7.63
C LEU A 13 -37.77 7.54 -7.54
N ASP A 14 -37.44 8.28 -8.59
CA ASP A 14 -37.64 9.72 -8.59
C ASP A 14 -38.95 10.13 -7.93
N PRO A 15 -40.06 9.43 -8.23
CA PRO A 15 -41.36 9.77 -7.65
C PRO A 15 -41.47 9.82 -6.12
N ILE A 16 -40.71 8.99 -5.41
CA ILE A 16 -40.81 8.99 -3.95
C ILE A 16 -39.64 9.68 -3.26
N LEU A 17 -38.69 10.18 -4.04
CA LEU A 17 -37.52 10.84 -3.46
C LEU A 17 -37.94 12.01 -2.57
N PRO A 18 -38.82 12.89 -3.07
CA PRO A 18 -39.25 14.02 -2.26
C PRO A 18 -39.72 13.55 -0.89
N GLY A 19 -40.42 12.40 -0.88
CA GLY A 19 -40.93 11.85 0.36
C GLY A 19 -39.82 11.47 1.30
N LEU A 20 -38.79 10.85 0.77
CA LEU A 20 -37.65 10.44 1.57
C LEU A 20 -37.08 11.67 2.25
N PHE A 21 -36.95 12.75 1.48
CA PHE A 21 -36.40 14.00 2.01
C PHE A 21 -37.29 14.60 3.07
N ASP A 22 -38.61 14.54 2.85
CA ASP A 22 -39.54 15.06 3.83
C ASP A 22 -39.40 14.22 5.11
N GLY A 23 -39.19 12.92 4.93
CA GLY A 23 -39.02 12.03 6.07
C GLY A 23 -37.74 12.31 6.83
N GLY A 24 -36.95 13.28 6.36
CA GLY A 24 -35.72 13.63 7.03
C GLY A 24 -34.44 13.03 6.49
N ALA A 25 -34.46 12.59 5.23
CA ALA A 25 -33.26 12.02 4.64
C ALA A 25 -32.20 13.12 4.42
N ARG A 26 -30.98 12.88 4.90
CA ARG A 26 -29.91 13.84 4.75
C ARG A 26 -28.94 13.42 3.66
N GLY A 27 -28.95 12.15 3.30
CA GLY A 27 -28.05 11.65 2.28
C GLY A 27 -28.79 10.71 1.35
N LEU A 28 -28.24 10.49 0.15
CA LEU A 28 -28.87 9.61 -0.81
C LEU A 28 -27.81 9.17 -1.80
N TRP A 29 -27.81 7.88 -2.13
CA TRP A 29 -26.85 7.32 -3.07
C TRP A 29 -27.46 6.21 -3.90
N GLU A 30 -26.99 6.05 -5.13
CA GLU A 30 -27.46 4.96 -5.96
C GLU A 30 -26.32 3.97 -5.86
N ARG A 31 -26.62 2.78 -5.35
CA ARG A 31 -25.60 1.75 -5.17
C ARG A 31 -25.99 0.41 -5.80
N GLU A 32 -25.53 0.19 -7.03
CA GLU A 32 -25.79 -1.03 -7.78
C GLU A 32 -27.22 -1.56 -7.73
N GLY A 33 -28.10 -0.93 -8.51
CA GLY A 33 -29.49 -1.36 -8.53
C GLY A 33 -30.30 -1.00 -7.30
N GLU A 34 -29.68 -0.30 -6.37
CA GLU A 34 -30.37 0.12 -5.17
C GLU A 34 -30.15 1.60 -4.87
N VAL A 35 -31.07 2.16 -4.09
CA VAL A 35 -30.99 3.54 -3.67
C VAL A 35 -30.94 3.54 -2.16
N TRP A 36 -29.88 4.11 -1.59
CA TRP A 36 -29.73 4.17 -0.14
C TRP A 36 -30.04 5.56 0.37
N ALA A 37 -30.94 5.62 1.35
CA ALA A 37 -31.32 6.89 1.93
C ALA A 37 -30.85 6.90 3.38
N PHE A 38 -30.11 7.94 3.75
CA PHE A 38 -29.55 8.05 5.08
C PHE A 38 -30.29 8.98 6.01
N PHE A 39 -30.58 8.48 7.21
CA PHE A 39 -31.30 9.19 8.24
C PHE A 39 -30.58 9.02 9.56
N PRO A 40 -30.87 9.90 10.51
CA PRO A 40 -30.29 9.91 11.86
C PRO A 40 -30.69 8.61 12.58
N ALA A 41 -31.97 8.27 12.46
CA ALA A 41 -32.53 7.07 13.06
C ALA A 41 -33.78 6.73 12.23
N PRO A 42 -34.27 5.49 12.32
CA PRO A 42 -35.45 5.11 11.54
C PRO A 42 -36.73 5.93 11.77
N VAL A 43 -37.48 6.16 10.71
CA VAL A 43 -38.76 6.88 10.75
C VAL A 43 -39.76 6.04 9.95
N ASP A 44 -41.05 6.26 10.16
CA ASP A 44 -42.04 5.48 9.44
C ASP A 44 -42.25 5.94 8.00
N LEU A 45 -41.96 5.05 7.05
CA LEU A 45 -42.11 5.34 5.62
C LEU A 45 -42.85 4.19 4.92
N PRO A 46 -43.74 4.52 3.97
CA PRO A 46 -44.58 3.60 3.18
C PRO A 46 -43.91 2.89 2.02
N TYR A 47 -42.69 3.28 1.71
CA TYR A 47 -41.98 2.72 0.56
C TYR A 47 -41.51 1.26 0.59
N GLU A 48 -41.73 0.58 1.71
CA GLU A 48 -41.35 -0.84 1.81
C GLU A 48 -39.84 -1.05 1.70
N GLY A 49 -39.06 -0.12 2.22
CA GLY A 49 -37.61 -0.29 2.17
C GLY A 49 -37.17 -0.99 3.43
N VAL A 50 -35.87 -1.26 3.55
CA VAL A 50 -35.34 -1.93 4.74
C VAL A 50 -34.29 -1.08 5.48
N TRP A 51 -34.52 -0.87 6.78
CA TRP A 51 -33.61 -0.10 7.62
C TRP A 51 -32.43 -0.93 8.12
N GLU A 52 -31.30 -0.26 8.34
CA GLU A 52 -30.11 -0.91 8.84
C GLU A 52 -29.08 0.15 9.27
N GLU A 53 -28.55 -0.01 10.48
CA GLU A 53 -27.59 0.94 11.00
C GLU A 53 -26.26 0.84 10.26
N VAL A 54 -25.67 1.99 9.98
CA VAL A 54 -24.39 2.08 9.28
C VAL A 54 -23.23 1.98 10.26
N GLY A 55 -22.18 1.27 9.89
CA GLY A 55 -21.04 1.16 10.78
C GLY A 55 -19.70 1.17 10.08
N ASP A 56 -18.63 1.12 10.86
CA ASP A 56 -17.27 1.11 10.33
C ASP A 56 -17.12 0.18 9.12
N GLU A 57 -17.80 -0.95 9.14
CA GLU A 57 -17.74 -1.90 8.04
C GLU A 57 -18.23 -1.26 6.75
N ASP A 58 -19.41 -0.66 6.79
CA ASP A 58 -19.99 -0.02 5.61
C ASP A 58 -19.10 1.10 5.09
N TRP A 59 -18.52 1.86 6.03
CA TRP A 59 -17.65 2.98 5.69
C TRP A 59 -16.38 2.57 4.97
N LEU A 60 -16.08 1.28 4.97
CA LEU A 60 -14.89 0.80 4.28
C LEU A 60 -15.33 0.32 2.91
N GLU A 61 -16.41 -0.45 2.89
CA GLU A 61 -16.94 -0.97 1.64
C GLU A 61 -17.16 0.20 0.67
N ALA A 62 -17.70 1.30 1.19
CA ALA A 62 -17.95 2.50 0.38
C ALA A 62 -16.61 3.03 -0.12
N TRP A 63 -15.68 3.23 0.81
CA TRP A 63 -14.35 3.71 0.45
C TRP A 63 -13.77 2.78 -0.62
N ARG A 64 -13.78 1.49 -0.32
CA ARG A 64 -13.25 0.48 -1.24
C ARG A 64 -13.73 0.69 -2.67
N ARG A 65 -15.03 0.94 -2.82
CA ARG A 65 -15.59 1.13 -4.15
C ARG A 65 -15.12 2.42 -4.83
N ASP A 66 -14.65 3.40 -4.06
CA ASP A 66 -14.19 4.68 -4.64
C ASP A 66 -12.69 4.64 -4.96
N LEU A 67 -12.05 3.50 -4.70
CA LEU A 67 -10.64 3.35 -4.96
C LEU A 67 -10.30 3.31 -6.45
N LYS A 68 -9.22 3.98 -6.81
CA LYS A 68 -8.78 4.03 -8.20
C LYS A 68 -7.32 3.58 -8.33
N PRO A 69 -6.93 3.05 -9.49
CA PRO A 69 -5.55 2.60 -9.69
C PRO A 69 -4.57 3.72 -9.33
N ALA A 70 -3.40 3.33 -8.84
CA ALA A 70 -2.38 4.30 -8.48
C ALA A 70 -1.14 4.06 -9.32
N LEU A 71 -0.67 5.10 -9.98
CA LEU A 71 0.50 4.98 -10.82
C LEU A 71 1.82 5.14 -10.08
N ALA A 72 2.79 4.32 -10.47
CA ALA A 72 4.11 4.33 -9.91
C ALA A 72 4.94 3.70 -10.99
N PRO A 73 5.12 4.43 -12.10
CA PRO A 73 5.90 3.95 -13.25
C PRO A 73 7.11 3.21 -12.73
N PRO A 74 7.42 2.05 -13.34
CA PRO A 74 6.67 1.48 -14.45
C PRO A 74 5.50 0.62 -13.97
N PHE A 75 5.10 0.79 -12.72
CA PHE A 75 4.02 0.00 -12.13
C PHE A 75 2.71 0.75 -11.98
N VAL A 76 1.63 -0.03 -11.89
CA VAL A 76 0.30 0.49 -11.61
C VAL A 76 -0.23 -0.40 -10.48
N VAL A 77 -0.61 0.22 -9.37
CA VAL A 77 -1.13 -0.54 -8.25
C VAL A 77 -2.65 -0.58 -8.34
N LEU A 78 -3.19 -1.80 -8.47
CA LEU A 78 -4.62 -2.04 -8.64
C LEU A 78 -5.27 -2.82 -7.51
N ALA A 79 -6.54 -2.49 -7.23
CA ALA A 79 -7.33 -3.20 -6.22
C ALA A 79 -7.67 -4.51 -6.93
N PRO A 80 -7.85 -5.60 -6.18
CA PRO A 80 -8.17 -6.91 -6.79
C PRO A 80 -9.26 -6.86 -7.84
N TRP A 81 -10.15 -5.88 -7.73
CA TRP A 81 -11.27 -5.73 -8.65
C TRP A 81 -11.07 -4.66 -9.73
N HIS A 82 -9.84 -4.16 -9.88
CA HIS A 82 -9.58 -3.12 -10.87
C HIS A 82 -9.19 -3.66 -12.24
N THR A 83 -9.51 -2.87 -13.26
CA THR A 83 -9.19 -3.20 -14.64
C THR A 83 -8.14 -2.22 -15.13
N TRP A 84 -7.25 -2.68 -16.00
CA TRP A 84 -6.20 -1.81 -16.52
C TRP A 84 -5.81 -2.13 -17.95
N GLU A 85 -6.12 -1.19 -18.85
CA GLU A 85 -5.82 -1.32 -20.25
C GLU A 85 -4.37 -0.91 -20.54
N GLY A 86 -3.82 -0.06 -19.68
CA GLY A 86 -2.46 0.42 -19.83
C GLY A 86 -1.37 -0.62 -19.99
N ALA A 87 -0.14 -0.15 -20.18
CA ALA A 87 0.99 -1.04 -20.37
C ALA A 87 1.83 -1.24 -19.11
N GLU A 88 1.72 -0.34 -18.13
CA GLU A 88 2.52 -0.46 -16.92
C GLU A 88 2.34 -1.82 -16.24
N ILE A 89 3.31 -2.18 -15.40
CA ILE A 89 3.29 -3.44 -14.69
C ILE A 89 2.27 -3.48 -13.57
N PRO A 90 1.35 -4.45 -13.62
CA PRO A 90 0.28 -4.68 -12.65
C PRO A 90 0.76 -5.15 -11.29
N LEU A 91 0.27 -4.52 -10.25
CA LEU A 91 0.59 -4.86 -8.89
C LEU A 91 -0.73 -4.89 -8.18
N VAL A 92 -1.24 -6.10 -7.89
CA VAL A 92 -2.54 -6.19 -7.23
C VAL A 92 -2.38 -6.29 -5.73
N ILE A 93 -2.97 -5.33 -5.02
CA ILE A 93 -2.89 -5.30 -3.57
C ILE A 93 -4.27 -5.13 -2.97
N GLU A 94 -4.66 -6.06 -2.10
CA GLU A 94 -5.94 -6.00 -1.41
C GLU A 94 -5.90 -4.83 -0.45
N PRO A 95 -6.72 -3.78 -0.69
CA PRO A 95 -6.70 -2.65 0.25
C PRO A 95 -6.97 -3.25 1.62
N GLY A 96 -5.95 -3.31 2.46
CA GLY A 96 -6.16 -3.91 3.77
C GLY A 96 -5.71 -3.01 4.89
N MET A 97 -5.39 -3.61 6.02
CA MET A 97 -4.95 -2.84 7.17
C MET A 97 -3.41 -2.74 7.22
N ALA A 98 -2.73 -3.64 6.50
CA ALA A 98 -1.27 -3.64 6.44
C ALA A 98 -0.83 -2.57 5.45
N PHE A 99 0.19 -1.80 5.82
CA PHE A 99 0.70 -0.71 4.97
C PHE A 99 1.31 -1.25 3.68
N GLY A 100 0.97 -0.60 2.57
CA GLY A 100 1.48 -1.01 1.28
C GLY A 100 0.40 -1.02 0.23
N THR A 101 -0.57 -0.12 0.37
CA THR A 101 -1.67 -0.03 -0.59
C THR A 101 -1.23 0.63 -1.89
N GLY A 102 -0.15 1.41 -1.81
CA GLY A 102 0.35 2.10 -2.99
C GLY A 102 -0.14 3.53 -3.03
N HIS A 103 -0.93 3.92 -2.03
CA HIS A 103 -1.46 5.27 -1.95
C HIS A 103 -0.52 6.24 -1.26
N HIS A 104 0.38 5.73 -0.43
CA HIS A 104 1.30 6.62 0.22
C HIS A 104 2.45 6.94 -0.72
N GLU A 105 2.98 8.15 -0.57
CA GLU A 105 4.07 8.63 -1.40
C GLU A 105 5.33 7.77 -1.32
N THR A 106 5.69 7.35 -0.10
CA THR A 106 6.89 6.55 0.13
C THR A 106 6.88 5.23 -0.65
N THR A 107 5.75 4.56 -0.67
CA THR A 107 5.61 3.31 -1.39
C THR A 107 5.89 3.55 -2.85
N ARG A 108 5.34 4.64 -3.37
CA ARG A 108 5.56 5.01 -4.76
C ARG A 108 7.03 5.32 -5.05
N LEU A 109 7.69 6.04 -4.14
CA LEU A 109 9.12 6.36 -4.37
C LEU A 109 9.90 5.04 -4.42
N ALA A 110 9.56 4.13 -3.50
CA ALA A 110 10.20 2.82 -3.42
C ALA A 110 10.05 2.02 -4.69
N LEU A 111 8.84 1.98 -5.24
CA LEU A 111 8.62 1.23 -6.47
C LEU A 111 9.45 1.76 -7.63
N LYS A 112 9.44 3.08 -7.78
CA LYS A 112 10.20 3.68 -8.86
C LYS A 112 11.70 3.45 -8.69
N ALA A 113 12.21 3.63 -7.47
CA ALA A 113 13.64 3.41 -7.19
C ALA A 113 14.02 1.93 -7.47
N LEU A 114 13.17 0.99 -7.02
CA LEU A 114 13.39 -0.45 -7.27
C LEU A 114 13.62 -0.76 -8.73
N ALA A 115 12.73 -0.24 -9.58
CA ALA A 115 12.87 -0.49 -11.01
C ALA A 115 14.22 -0.05 -11.54
N ARG A 116 14.78 1.00 -10.94
CA ARG A 116 16.07 1.51 -11.39
C ARG A 116 17.24 0.71 -10.84
N HIS A 117 17.21 0.45 -9.54
CA HIS A 117 18.33 -0.25 -8.91
C HIS A 117 18.32 -1.78 -8.92
N LEU A 118 17.16 -2.38 -9.18
CA LEU A 118 17.09 -3.85 -9.19
C LEU A 118 17.31 -4.43 -10.59
N ARG A 119 18.06 -5.53 -10.66
CA ARG A 119 18.27 -6.17 -11.94
C ARG A 119 17.77 -7.61 -11.90
N PRO A 120 17.42 -8.17 -13.06
CA PRO A 120 16.93 -9.55 -13.08
C PRO A 120 17.97 -10.44 -12.40
N GLY A 121 17.52 -11.20 -11.40
CA GLY A 121 18.42 -12.11 -10.70
C GLY A 121 18.93 -11.67 -9.35
N ASP A 122 18.63 -10.44 -8.94
CA ASP A 122 19.08 -9.94 -7.65
C ASP A 122 18.30 -10.48 -6.48
N LYS A 123 18.99 -10.64 -5.35
CA LYS A 123 18.39 -11.12 -4.11
C LYS A 123 18.00 -9.87 -3.39
N VAL A 124 16.76 -9.81 -2.91
CA VAL A 124 16.29 -8.60 -2.25
C VAL A 124 15.69 -8.80 -0.88
N LEU A 125 15.95 -7.82 -0.02
CA LEU A 125 15.40 -7.84 1.31
C LEU A 125 14.47 -6.65 1.40
N ASP A 126 13.21 -6.92 1.72
CA ASP A 126 12.19 -5.89 1.88
C ASP A 126 11.95 -5.77 3.38
N LEU A 127 12.67 -4.84 4.00
CA LEU A 127 12.59 -4.63 5.44
C LEU A 127 11.33 -3.87 5.84
N GLY A 128 10.41 -4.56 6.51
CA GLY A 128 9.16 -3.95 6.91
C GLY A 128 8.24 -4.05 5.70
N THR A 129 8.14 -5.27 5.20
CA THR A 129 7.35 -5.59 4.02
C THR A 129 5.87 -5.21 4.07
N GLY A 130 5.32 -5.09 5.27
CA GLY A 130 3.91 -4.75 5.38
C GLY A 130 3.04 -5.62 4.48
N SER A 131 2.42 -4.98 3.50
CA SER A 131 1.53 -5.66 2.56
C SER A 131 2.31 -6.55 1.59
N GLY A 132 3.63 -6.34 1.53
CA GLY A 132 4.49 -7.13 0.66
C GLY A 132 4.60 -6.60 -0.76
N VAL A 133 4.03 -5.42 -0.99
CA VAL A 133 4.05 -4.82 -2.34
C VAL A 133 5.46 -4.65 -2.91
N LEU A 134 6.42 -4.18 -2.12
CA LEU A 134 7.77 -4.00 -2.67
C LEU A 134 8.38 -5.37 -3.03
N ALA A 135 8.24 -6.35 -2.14
CA ALA A 135 8.75 -7.71 -2.41
C ALA A 135 8.04 -8.26 -3.63
N ILE A 136 6.75 -8.02 -3.73
CA ILE A 136 6.03 -8.54 -4.90
C ILE A 136 6.59 -7.86 -6.16
N ALA A 137 6.80 -6.56 -6.09
CA ALA A 137 7.35 -5.82 -7.24
C ALA A 137 8.74 -6.36 -7.63
N ALA A 138 9.56 -6.65 -6.62
CA ALA A 138 10.91 -7.20 -6.90
C ALA A 138 10.83 -8.48 -7.72
N GLU A 139 9.88 -9.37 -7.39
CA GLU A 139 9.71 -10.63 -8.13
C GLU A 139 9.25 -10.33 -9.56
N LYS A 140 8.37 -9.34 -9.70
CA LYS A 140 7.89 -8.95 -11.03
C LYS A 140 9.03 -8.41 -11.91
N LEU A 141 10.01 -7.75 -11.30
CA LEU A 141 11.13 -7.21 -12.04
C LEU A 141 12.12 -8.30 -12.40
N GLY A 142 11.94 -9.48 -11.82
CA GLY A 142 12.82 -10.57 -12.13
C GLY A 142 13.79 -10.89 -10.99
N GLY A 143 13.52 -10.34 -9.81
CA GLY A 143 14.37 -10.61 -8.66
C GLY A 143 13.77 -11.65 -7.72
N LYS A 144 14.57 -12.11 -6.76
CA LYS A 144 14.15 -13.11 -5.76
C LYS A 144 14.13 -12.36 -4.43
N ALA A 145 12.96 -12.25 -3.81
CA ALA A 145 12.87 -11.47 -2.59
C ALA A 145 12.41 -12.14 -1.31
N LEU A 146 12.83 -11.51 -0.21
CA LEU A 146 12.48 -11.93 1.11
C LEU A 146 11.91 -10.69 1.80
N GLY A 147 10.66 -10.77 2.25
CA GLY A 147 10.05 -9.66 2.95
C GLY A 147 9.93 -10.04 4.41
N VAL A 148 10.31 -9.14 5.31
CA VAL A 148 10.20 -9.41 6.74
C VAL A 148 9.49 -8.27 7.45
N ASP A 149 8.92 -8.56 8.61
CA ASP A 149 8.20 -7.54 9.36
C ASP A 149 8.08 -8.02 10.79
N ILE A 150 8.23 -7.10 11.74
CA ILE A 150 8.11 -7.50 13.14
C ILE A 150 6.64 -7.70 13.51
N ASP A 151 5.74 -7.35 12.60
CA ASP A 151 4.32 -7.51 12.86
C ASP A 151 3.78 -8.75 12.12
N PRO A 152 3.54 -9.84 12.87
CA PRO A 152 3.04 -11.12 12.35
C PRO A 152 1.73 -11.00 11.56
N MET A 153 0.83 -10.15 12.04
CA MET A 153 -0.47 -9.94 11.40
C MET A 153 -0.45 -9.62 9.90
N VAL A 154 0.60 -8.96 9.42
CA VAL A 154 0.68 -8.58 8.02
C VAL A 154 1.07 -9.69 7.05
N LEU A 155 1.86 -10.65 7.54
CA LEU A 155 2.37 -11.73 6.71
C LEU A 155 1.35 -12.56 5.92
N PRO A 156 0.17 -12.85 6.51
CA PRO A 156 -0.80 -13.64 5.73
C PRO A 156 -1.32 -12.80 4.55
N GLN A 157 -1.61 -11.54 4.82
CA GLN A 157 -2.09 -10.64 3.77
C GLN A 157 -0.99 -10.49 2.71
N ALA A 158 0.27 -10.38 3.15
CA ALA A 158 1.36 -10.27 2.17
C ALA A 158 1.36 -11.49 1.29
N GLU A 159 1.30 -12.66 1.95
CA GLU A 159 1.31 -13.94 1.24
C GLU A 159 0.10 -14.00 0.29
N ALA A 160 -1.04 -13.55 0.78
CA ALA A 160 -2.24 -13.53 -0.05
C ALA A 160 -2.04 -12.60 -1.25
N ASN A 161 -1.40 -11.45 -1.04
CA ASN A 161 -1.16 -10.51 -2.15
C ASN A 161 -0.21 -11.11 -3.15
N ALA A 162 0.88 -11.68 -2.66
CA ALA A 162 1.84 -12.31 -3.58
C ALA A 162 1.08 -13.28 -4.49
N LYS A 163 0.23 -14.09 -3.88
CA LYS A 163 -0.57 -15.06 -4.60
C LYS A 163 -1.35 -14.40 -5.73
N ARG A 164 -2.09 -13.33 -5.42
CA ARG A 164 -2.89 -12.64 -6.45
C ARG A 164 -2.04 -12.15 -7.61
N ASN A 165 -0.77 -11.85 -7.35
CA ASN A 165 0.12 -11.37 -8.39
C ASN A 165 0.86 -12.48 -9.11
N GLY A 166 0.63 -13.72 -8.70
CA GLY A 166 1.27 -14.84 -9.38
C GLY A 166 2.76 -14.91 -9.23
N VAL A 167 3.25 -14.56 -8.04
CA VAL A 167 4.68 -14.60 -7.75
C VAL A 167 4.79 -15.10 -6.32
N ARG A 168 5.96 -15.59 -5.94
CA ARG A 168 6.08 -16.09 -4.59
C ARG A 168 7.37 -15.71 -3.86
N PRO A 169 7.36 -14.54 -3.19
CA PRO A 169 8.50 -14.04 -2.43
C PRO A 169 8.48 -14.88 -1.17
N ARG A 170 9.53 -14.78 -0.38
CA ARG A 170 9.56 -15.50 0.88
C ARG A 170 9.21 -14.45 1.90
N PHE A 171 8.32 -14.77 2.83
CA PHE A 171 7.94 -13.82 3.87
C PHE A 171 8.20 -14.44 5.25
N LEU A 172 8.61 -13.59 6.20
CA LEU A 172 8.86 -14.07 7.55
C LEU A 172 8.91 -12.98 8.62
N GLU A 173 8.49 -13.36 9.83
CA GLU A 173 8.44 -12.45 10.96
C GLU A 173 9.84 -12.08 11.46
N GLY A 174 10.02 -10.83 11.84
CA GLY A 174 11.32 -10.40 12.33
C GLY A 174 11.84 -9.14 11.69
N SER A 175 13.09 -8.80 12.01
CA SER A 175 13.72 -7.62 11.46
C SER A 175 14.95 -7.98 10.64
N LEU A 176 15.93 -7.09 10.64
CA LEU A 176 17.18 -7.26 9.90
C LEU A 176 17.94 -8.53 10.28
N GLU A 177 18.00 -8.82 11.57
CA GLU A 177 18.70 -10.02 12.02
C GLU A 177 18.02 -11.30 11.57
N ALA A 178 16.70 -11.35 11.65
CA ALA A 178 15.98 -12.53 11.21
C ALA A 178 16.33 -12.83 9.76
N ALA A 179 16.63 -11.78 9.01
CA ALA A 179 16.93 -11.91 7.58
C ALA A 179 18.35 -12.28 7.19
N LEU A 180 19.32 -11.89 8.00
CA LEU A 180 20.72 -12.17 7.69
C LEU A 180 21.03 -13.58 7.16
N PRO A 181 20.48 -14.62 7.82
CA PRO A 181 20.72 -16.00 7.37
C PRO A 181 20.43 -16.22 5.90
N PHE A 182 19.62 -15.36 5.31
CA PHE A 182 19.27 -15.50 3.91
C PHE A 182 20.12 -14.60 3.04
N GLY A 183 20.97 -13.81 3.67
CA GLY A 183 21.82 -12.90 2.92
C GLY A 183 23.14 -13.49 2.47
N PRO A 184 24.08 -12.63 2.02
CA PRO A 184 23.86 -11.19 1.95
C PRO A 184 22.92 -10.96 0.77
N PHE A 185 22.44 -9.74 0.59
CA PHE A 185 21.54 -9.45 -0.53
C PHE A 185 22.17 -8.47 -1.50
N ASP A 186 21.63 -8.45 -2.72
CA ASP A 186 22.13 -7.54 -3.73
C ASP A 186 21.50 -6.19 -3.49
N LEU A 187 20.28 -6.20 -2.97
CA LEU A 187 19.59 -4.97 -2.72
C LEU A 187 18.69 -5.05 -1.51
N LEU A 188 18.59 -3.92 -0.84
CA LEU A 188 17.74 -3.80 0.34
C LEU A 188 16.87 -2.55 0.19
N VAL A 189 15.57 -2.74 0.40
CA VAL A 189 14.64 -1.64 0.33
C VAL A 189 13.91 -1.62 1.64
N ALA A 190 13.87 -0.43 2.25
CA ALA A 190 13.23 -0.26 3.54
C ALA A 190 12.46 1.05 3.68
N ASN A 191 11.15 0.93 3.86
CA ASN A 191 10.27 2.09 4.06
C ASN A 191 9.96 2.11 5.55
N LEU A 192 10.75 2.89 6.29
CA LEU A 192 10.58 3.01 7.73
C LEU A 192 10.54 4.50 8.07
N TYR A 193 11.58 5.00 8.74
CA TYR A 193 11.66 6.42 9.09
C TYR A 193 13.11 6.81 9.36
N ALA A 194 13.42 8.08 9.10
CA ALA A 194 14.77 8.64 9.24
C ALA A 194 15.60 8.17 10.45
N GLU A 195 15.06 8.33 11.66
CA GLU A 195 15.81 7.91 12.84
C GLU A 195 16.20 6.42 12.88
N LEU A 196 15.28 5.52 12.51
CA LEU A 196 15.59 4.10 12.54
C LEU A 196 16.63 3.73 11.49
N HIS A 197 16.53 4.31 10.29
CA HIS A 197 17.53 4.03 9.26
C HIS A 197 18.90 4.40 9.85
N ALA A 198 18.95 5.57 10.47
CA ALA A 198 20.18 6.08 11.07
C ALA A 198 20.83 5.06 11.99
N ALA A 199 20.04 4.43 12.85
CA ALA A 199 20.59 3.44 13.77
C ALA A 199 20.99 2.14 13.07
N LEU A 200 20.32 1.83 11.97
CA LEU A 200 20.59 0.60 11.22
C LEU A 200 21.70 0.68 10.18
N ALA A 201 22.05 1.91 9.80
CA ALA A 201 23.08 2.13 8.79
C ALA A 201 24.19 1.09 8.83
N PRO A 202 24.81 0.88 10.00
CA PRO A 202 25.89 -0.11 10.11
C PRO A 202 25.47 -1.52 9.70
N ARG A 203 24.33 -2.00 10.20
CA ARG A 203 23.86 -3.33 9.83
C ARG A 203 23.48 -3.39 8.36
N TYR A 204 22.91 -2.31 7.83
CA TYR A 204 22.55 -2.29 6.41
C TYR A 204 23.76 -2.72 5.60
N ARG A 205 24.92 -2.20 5.98
CA ARG A 205 26.15 -2.54 5.29
C ARG A 205 26.49 -4.03 5.33
N GLU A 206 26.26 -4.66 6.49
CA GLU A 206 26.57 -6.08 6.63
C GLU A 206 25.56 -6.97 5.92
N ALA A 207 24.37 -6.44 5.68
CA ALA A 207 23.32 -7.19 4.99
C ALA A 207 23.56 -7.30 3.50
N LEU A 208 24.38 -6.40 2.97
CA LEU A 208 24.66 -6.36 1.55
C LEU A 208 26.04 -6.81 1.11
N VAL A 209 26.09 -7.37 -0.11
CA VAL A 209 27.32 -7.81 -0.72
C VAL A 209 28.05 -6.53 -1.14
N PRO A 210 29.35 -6.62 -1.40
CA PRO A 210 30.06 -5.40 -1.82
C PRO A 210 29.43 -4.90 -3.12
N GLY A 211 29.14 -3.60 -3.17
CA GLY A 211 28.52 -3.04 -4.36
C GLY A 211 27.00 -3.18 -4.33
N GLY A 212 26.47 -3.71 -3.23
CA GLY A 212 25.03 -3.86 -3.10
C GLY A 212 24.33 -2.53 -2.98
N ARG A 213 23.01 -2.53 -3.03
CA ARG A 213 22.25 -1.29 -2.94
C ARG A 213 21.33 -1.24 -1.74
N ALA A 214 21.14 -0.02 -1.22
CA ALA A 214 20.25 0.22 -0.10
C ALA A 214 19.30 1.36 -0.50
N LEU A 215 18.00 1.08 -0.52
CA LEU A 215 16.99 2.09 -0.87
C LEU A 215 16.19 2.38 0.39
N LEU A 216 16.42 3.55 0.97
CA LEU A 216 15.74 3.92 2.20
C LEU A 216 14.67 5.00 1.98
N THR A 217 13.51 4.80 2.58
CA THR A 217 12.45 5.80 2.47
C THR A 217 11.66 5.89 3.77
N GLY A 218 10.56 6.65 3.76
CA GLY A 218 9.79 6.87 4.98
C GLY A 218 10.46 8.06 5.67
N ILE A 219 11.26 8.78 4.90
CA ILE A 219 12.02 9.93 5.36
C ILE A 219 11.39 11.29 5.10
N LEU A 220 11.21 12.07 6.15
CA LEU A 220 10.66 13.41 6.03
C LEU A 220 11.81 14.33 5.57
N LYS A 221 11.49 15.29 4.71
CA LYS A 221 12.48 16.23 4.19
C LYS A 221 13.40 16.81 5.26
N ASP A 222 12.83 17.20 6.40
CA ASP A 222 13.59 17.78 7.49
C ASP A 222 14.37 16.80 8.36
N ARG A 223 14.45 15.54 7.96
CA ARG A 223 15.19 14.56 8.74
C ARG A 223 16.19 13.79 7.88
N ALA A 224 16.33 14.23 6.64
CA ALA A 224 17.26 13.59 5.72
C ALA A 224 18.76 13.60 6.14
N PRO A 225 19.24 14.69 6.78
CA PRO A 225 20.62 14.82 7.23
C PRO A 225 21.04 13.66 8.10
N LEU A 226 20.12 13.24 8.95
CA LEU A 226 20.37 12.13 9.85
C LEU A 226 20.83 10.94 9.05
N VAL A 227 20.12 10.70 7.95
CA VAL A 227 20.40 9.56 7.07
C VAL A 227 21.66 9.78 6.25
N ARG A 228 21.76 10.94 5.60
CA ARG A 228 22.96 11.22 4.80
C ARG A 228 24.16 11.00 5.71
N GLU A 229 24.09 11.58 6.89
CA GLU A 229 25.14 11.49 7.89
C GLU A 229 25.44 10.05 8.32
N ALA A 230 24.40 9.32 8.72
CA ALA A 230 24.57 7.94 9.17
C ALA A 230 25.08 7.04 8.06
N MET A 231 24.53 7.21 6.86
CA MET A 231 24.95 6.39 5.73
C MET A 231 26.41 6.60 5.35
N ALA A 232 26.78 7.85 5.11
CA ALA A 232 28.17 8.15 4.75
C ALA A 232 29.07 7.55 5.85
N GLY A 233 28.77 7.87 7.10
CA GLY A 233 29.56 7.32 8.19
C GLY A 233 29.63 5.81 8.17
N ALA A 234 28.64 5.17 7.53
CA ALA A 234 28.60 3.71 7.44
C ALA A 234 29.31 3.21 6.19
N GLY A 235 30.03 4.09 5.50
CA GLY A 235 30.75 3.69 4.30
C GLY A 235 29.95 3.60 3.00
N PHE A 236 28.70 4.10 3.01
CA PHE A 236 27.89 4.04 1.78
C PHE A 236 28.15 5.27 0.94
N ARG A 237 27.84 5.16 -0.34
CA ARG A 237 27.99 6.27 -1.26
C ARG A 237 26.61 6.66 -1.80
N PRO A 238 26.27 7.97 -1.80
CA PRO A 238 25.00 8.51 -2.29
C PRO A 238 24.80 8.21 -3.77
N LEU A 239 23.61 7.78 -4.15
CA LEU A 239 23.36 7.45 -5.55
C LEU A 239 22.16 8.14 -6.19
N GLU A 240 21.13 8.39 -5.39
CA GLU A 240 19.92 9.02 -5.91
C GLU A 240 19.05 9.56 -4.77
N GLU A 241 18.38 10.68 -5.04
CA GLU A 241 17.46 11.28 -4.08
C GLU A 241 16.17 11.50 -4.86
N ALA A 242 15.04 11.38 -4.17
CA ALA A 242 13.75 11.58 -4.79
C ALA A 242 12.81 11.95 -3.68
N ALA A 243 11.80 12.73 -4.01
CA ALA A 243 10.81 13.16 -3.03
C ALA A 243 9.46 13.31 -3.69
N GLU A 244 8.44 13.34 -2.86
CA GLU A 244 7.06 13.54 -3.29
C GLU A 244 6.45 14.11 -2.03
N GLY A 245 6.03 15.37 -2.09
CA GLY A 245 5.47 15.96 -0.90
C GLY A 245 6.62 16.08 0.07
N GLU A 246 6.34 15.85 1.35
CA GLU A 246 7.34 15.92 2.39
C GLU A 246 8.15 14.63 2.51
N TRP A 247 7.92 13.67 1.61
CA TRP A 247 8.62 12.39 1.71
C TRP A 247 9.75 12.23 0.71
N VAL A 248 10.83 11.60 1.15
CA VAL A 248 11.98 11.40 0.26
C VAL A 248 12.54 9.98 0.35
N LEU A 249 13.19 9.56 -0.72
CA LEU A 249 13.84 8.26 -0.78
C LEU A 249 15.30 8.53 -1.03
N LEU A 250 16.17 7.83 -0.32
CA LEU A 250 17.61 8.00 -0.52
C LEU A 250 18.20 6.65 -0.93
N ALA A 251 18.83 6.62 -2.10
CA ALA A 251 19.45 5.39 -2.58
C ALA A 251 20.98 5.45 -2.37
N TYR A 252 21.52 4.36 -1.83
CA TYR A 252 22.96 4.29 -1.59
C TYR A 252 23.61 3.04 -2.16
N GLY A 253 24.89 3.17 -2.49
CA GLY A 253 25.64 2.04 -3.00
C GLY A 253 26.65 1.71 -1.93
N ARG A 254 26.99 0.42 -1.79
CA ARG A 254 27.95 -0.02 -0.78
C ARG A 254 29.15 -0.68 -1.43
N SAM B . 6.64 -1.88 2.69
CA SAM B . 5.40 -1.06 2.46
C SAM B . 5.64 0.03 1.43
O SAM B . 6.77 0.16 0.93
OXT SAM B . 4.62 0.75 1.18
CB SAM B . 4.92 -0.35 3.72
CG SAM B . 5.80 -0.53 4.89
SD SAM B . 5.36 0.32 6.43
CE SAM B . 5.74 2.05 6.06
C5' SAM B . 6.62 -0.20 7.48
C4' SAM B . 6.46 -1.63 7.97
O4' SAM B . 7.63 -1.90 8.74
C3' SAM B . 5.29 -1.78 8.95
O3' SAM B . 4.38 -2.71 8.30
C2' SAM B . 5.85 -2.40 10.22
O2' SAM B . 5.18 -3.46 10.86
C1' SAM B . 7.33 -2.66 9.86
N9 SAM B . 8.33 -2.27 10.83
C8 SAM B . 8.38 -1.23 11.73
N7 SAM B . 9.48 -1.20 12.43
C5 SAM B . 10.20 -2.30 11.97
C6 SAM B . 11.48 -2.84 12.32
N6 SAM B . 12.27 -2.29 13.26
N1 SAM B . 11.93 -3.98 11.66
C2 SAM B . 11.13 -4.54 10.71
N3 SAM B . 9.92 -4.11 10.31
C4 SAM B . 9.50 -2.98 10.99
#